data_1RL2
#
_entry.id   1RL2
#
_cell.length_a   28.050
_cell.length_b   36.190
_cell.length_c   69.710
_cell.angle_alpha   99.58
_cell.angle_beta   95.86
_cell.angle_gamma   102.63
#
_symmetry.space_group_name_H-M   'P 1'
#
loop_
_entity.id
_entity.type
_entity.pdbx_description
1 polymer 'PROTEIN (RIBOSOMAL PROTEIN L2)'
2 water water
#
_entity_poly.entity_id   1
_entity_poly.type   'polypeptide(L)'
_entity_poly.pdbx_seq_one_letter_code
;QYRIIDFKRDKDGIPGRVATIEYDPNRSANIALINYADGEKRYIIAPKNLKVG(MSE)EI(MSE)SGPDADIKIGNALPL
ENIPVGTLVHNIELKPGRGGQLVRAAGTSAQVLGKEGKYVIVRLASGEVR(MSE)ILGKCRATVGEVGN
;
_entity_poly.pdbx_strand_id   A,B
#
# COMPACT_ATOMS: atom_id res chain seq x y z
N GLN A 1 -15.81 -1.98 5.11
CA GLN A 1 -16.33 -0.60 5.28
C GLN A 1 -15.21 0.38 4.97
N TYR A 2 -14.33 0.11 3.99
CA TYR A 2 -13.22 1.05 3.81
C TYR A 2 -12.93 1.86 2.57
N ARG A 3 -12.11 2.83 2.87
CA ARG A 3 -11.63 3.89 2.01
C ARG A 3 -10.89 3.66 0.71
N ILE A 4 -9.80 2.89 0.71
CA ILE A 4 -9.07 2.77 -0.54
C ILE A 4 -9.41 1.64 -1.46
N ILE A 5 -9.85 2.02 -2.66
CA ILE A 5 -10.20 1.07 -3.68
C ILE A 5 -9.00 0.78 -4.57
N ASP A 6 -8.69 -0.49 -4.77
CA ASP A 6 -7.58 -0.86 -5.64
C ASP A 6 -8.04 -0.83 -7.13
N PHE A 7 -7.55 0.15 -7.88
CA PHE A 7 -7.85 0.25 -9.30
C PHE A 7 -6.64 -0.21 -10.13
N LYS A 8 -5.57 -0.61 -9.44
CA LYS A 8 -4.36 -1.10 -10.09
C LYS A 8 -4.43 -2.59 -10.36
N ARG A 9 -5.04 -3.32 -9.43
CA ARG A 9 -5.21 -4.77 -9.55
C ARG A 9 -3.93 -5.43 -9.99
N ASP A 10 -2.88 -5.21 -9.21
CA ASP A 10 -1.56 -5.73 -9.52
C ASP A 10 -1.02 -6.85 -8.61
N LYS A 11 -1.89 -7.58 -7.93
CA LYS A 11 -1.42 -8.70 -7.12
C LYS A 11 -1.48 -9.95 -7.99
N ASP A 12 -0.80 -9.92 -9.14
CA ASP A 12 -0.83 -11.03 -10.08
C ASP A 12 -0.41 -12.37 -9.51
N GLY A 13 -1.14 -13.41 -9.89
CA GLY A 13 -0.81 -14.74 -9.43
C GLY A 13 -1.30 -15.08 -8.03
N ILE A 14 -1.58 -14.08 -7.21
CA ILE A 14 -2.04 -14.33 -5.84
C ILE A 14 -3.56 -14.40 -5.73
N PRO A 15 -4.10 -15.61 -5.51
CA PRO A 15 -5.54 -15.83 -5.39
C PRO A 15 -6.14 -15.08 -4.20
N GLY A 16 -7.33 -14.53 -4.43
CA GLY A 16 -8.02 -13.80 -3.39
C GLY A 16 -9.42 -14.37 -3.30
N ARG A 17 -10.12 -14.08 -2.22
CA ARG A 17 -11.46 -14.58 -2.01
C ARG A 17 -12.35 -13.39 -1.68
N VAL A 18 -13.53 -13.34 -2.26
CA VAL A 18 -14.44 -12.24 -1.96
C VAL A 18 -15.02 -12.46 -0.57
N ALA A 19 -14.60 -11.63 0.39
CA ALA A 19 -15.05 -11.76 1.77
C ALA A 19 -16.43 -11.15 2.06
N THR A 20 -16.66 -9.95 1.56
CA THR A 20 -17.91 -9.25 1.75
C THR A 20 -18.20 -8.34 0.56
N ILE A 21 -19.47 -7.97 0.42
CA ILE A 21 -19.86 -7.05 -0.64
C ILE A 21 -20.82 -6.09 0.01
N GLU A 22 -20.46 -4.81 0.00
CA GLU A 22 -21.25 -3.77 0.63
C GLU A 22 -21.41 -2.51 -0.21
N TYR A 23 -22.56 -1.87 -0.05
CA TYR A 23 -22.87 -0.64 -0.79
C TYR A 23 -22.32 0.61 -0.13
N ASP A 24 -21.60 1.42 -0.90
CA ASP A 24 -21.03 2.66 -0.41
C ASP A 24 -21.77 3.82 -1.09
N PRO A 25 -22.69 4.48 -0.36
CA PRO A 25 -23.44 5.59 -0.94
C PRO A 25 -22.50 6.68 -1.42
N ASN A 26 -21.40 6.86 -0.68
CA ASN A 26 -20.45 7.88 -1.09
C ASN A 26 -19.91 7.59 -2.49
N ARG A 27 -19.97 6.33 -2.92
CA ARG A 27 -19.48 5.97 -4.25
C ARG A 27 -20.61 5.44 -5.12
N SER A 28 -21.84 5.41 -4.58
CA SER A 28 -22.99 4.86 -5.29
C SER A 28 -22.52 3.61 -6.00
N ALA A 29 -21.99 2.67 -5.24
CA ALA A 29 -21.47 1.42 -5.80
C ALA A 29 -21.14 0.39 -4.75
N ASN A 30 -21.13 -0.87 -5.18
CA ASN A 30 -20.79 -1.95 -4.28
C ASN A 30 -19.31 -2.10 -4.32
N ILE A 31 -18.74 -2.40 -3.16
CA ILE A 31 -17.30 -2.60 -3.05
C ILE A 31 -17.05 -3.91 -2.32
N ALA A 32 -16.07 -4.67 -2.79
CA ALA A 32 -15.76 -5.97 -2.18
C ALA A 32 -14.44 -6.03 -1.47
N LEU A 33 -14.42 -6.67 -0.29
CA LEU A 33 -13.19 -6.85 0.46
C LEU A 33 -12.62 -8.17 -0.07
N ILE A 34 -11.39 -8.11 -0.55
CA ILE A 34 -10.75 -9.30 -1.08
C ILE A 34 -9.63 -9.72 -0.11
N ASN A 35 -9.67 -10.98 0.32
CA ASN A 35 -8.63 -11.49 1.21
C ASN A 35 -7.69 -12.32 0.35
N TYR A 36 -6.45 -11.85 0.20
CA TYR A 36 -5.51 -12.60 -0.63
C TYR A 36 -4.78 -13.67 0.19
N ALA A 37 -4.34 -14.73 -0.48
CA ALA A 37 -3.66 -15.85 0.17
C ALA A 37 -2.39 -15.46 0.89
N ASP A 38 -1.84 -14.28 0.61
CA ASP A 38 -0.61 -13.86 1.29
C ASP A 38 -0.95 -13.01 2.49
N GLY A 39 -2.23 -12.97 2.86
CA GLY A 39 -2.65 -12.20 4.02
C GLY A 39 -3.04 -10.76 3.74
N GLU A 40 -2.77 -10.26 2.53
CA GLU A 40 -3.11 -8.88 2.21
C GLU A 40 -4.59 -8.70 1.95
N LYS A 41 -5.11 -7.54 2.34
CA LYS A 41 -6.51 -7.22 2.12
C LYS A 41 -6.66 -5.98 1.24
N ARG A 42 -7.60 -6.02 0.31
CA ARG A 42 -7.88 -4.87 -0.54
C ARG A 42 -9.33 -4.87 -0.89
N TYR A 43 -9.80 -3.70 -1.28
CA TYR A 43 -11.18 -3.52 -1.70
C TYR A 43 -11.18 -3.23 -3.18
N ILE A 44 -12.22 -3.66 -3.89
CA ILE A 44 -12.34 -3.35 -5.31
C ILE A 44 -13.80 -3.04 -5.49
N ILE A 45 -14.11 -2.48 -6.65
CA ILE A 45 -15.48 -2.17 -7.01
C ILE A 45 -16.03 -3.54 -7.34
N ALA A 46 -17.19 -3.86 -6.79
CA ALA A 46 -17.79 -5.17 -7.01
C ALA A 46 -18.63 -5.15 -8.28
N PRO A 47 -18.26 -5.97 -9.27
CA PRO A 47 -19.03 -6.02 -10.51
C PRO A 47 -20.37 -6.70 -10.24
N LYS A 48 -21.29 -6.57 -11.18
CA LYS A 48 -22.61 -7.16 -11.11
C LYS A 48 -22.44 -8.67 -10.96
N ASN A 49 -23.17 -9.26 -10.04
CA ASN A 49 -23.12 -10.69 -9.79
C ASN A 49 -21.90 -11.25 -9.05
N LEU A 50 -20.97 -10.40 -8.65
CA LEU A 50 -19.83 -10.90 -7.90
C LEU A 50 -20.47 -11.39 -6.60
N LYS A 51 -19.92 -12.43 -5.99
CA LYS A 51 -20.51 -12.96 -4.78
C LYS A 51 -19.49 -13.38 -3.75
N VAL A 52 -19.92 -13.31 -2.49
CA VAL A 52 -19.09 -13.71 -1.38
C VAL A 52 -18.68 -15.17 -1.62
N GLY A 53 -17.41 -15.46 -1.42
CA GLY A 53 -16.89 -16.80 -1.60
C GLY A 53 -16.21 -17.05 -2.94
N MSE A 54 -16.52 -16.23 -3.94
CA MSE A 54 -15.90 -16.40 -5.26
C MSE A 54 -14.40 -16.11 -5.14
O MSE A 54 -13.97 -15.33 -4.28
CB MSE A 54 -16.52 -15.44 -6.28
CG MSE A 54 -17.83 -15.90 -6.93
SE MSE A 54 -18.48 -14.70 -8.15
CE MSE A 54 -17.33 -14.98 -9.54
N GLU A 55 -13.61 -16.73 -6.02
CA GLU A 55 -12.18 -16.51 -6.05
C GLU A 55 -11.82 -15.46 -7.11
N ILE A 56 -10.82 -14.65 -6.82
CA ILE A 56 -10.40 -13.57 -7.72
C ILE A 56 -8.93 -13.71 -8.09
N MSE A 57 -8.57 -13.23 -9.27
CA MSE A 57 -7.18 -13.26 -9.69
C MSE A 57 -6.90 -12.23 -10.79
O MSE A 57 -7.80 -11.88 -11.56
CB MSE A 57 -6.76 -14.64 -10.16
CG MSE A 57 -5.26 -14.87 -10.10
SE MSE A 57 -4.73 -16.57 -10.51
CE MSE A 57 -6.37 -17.42 -10.88
N SER A 58 -5.67 -11.76 -10.83
CA SER A 58 -5.25 -10.77 -11.79
C SER A 58 -4.02 -11.30 -12.49
N GLY A 59 -3.68 -10.74 -13.64
CA GLY A 59 -2.51 -11.19 -14.34
C GLY A 59 -2.86 -11.97 -15.60
N PRO A 60 -1.85 -12.31 -16.43
CA PRO A 60 -1.96 -13.04 -17.69
C PRO A 60 -2.58 -14.43 -17.54
N ASP A 61 -2.41 -15.01 -16.34
CA ASP A 61 -2.90 -16.36 -16.04
C ASP A 61 -4.26 -16.48 -15.36
N ALA A 62 -4.94 -15.38 -15.10
CA ALA A 62 -6.23 -15.47 -14.42
C ALA A 62 -7.27 -16.01 -15.40
N ASP A 63 -8.30 -16.70 -14.90
CA ASP A 63 -9.32 -17.17 -15.83
C ASP A 63 -10.24 -16.02 -16.14
N ILE A 64 -11.09 -16.19 -17.12
CA ILE A 64 -12.01 -15.15 -17.52
C ILE A 64 -13.27 -15.25 -16.70
N LYS A 65 -13.30 -14.55 -15.58
CA LYS A 65 -14.46 -14.53 -14.71
C LYS A 65 -14.58 -13.17 -14.08
N ILE A 66 -15.81 -12.74 -13.83
CA ILE A 66 -16.04 -11.42 -13.29
C ILE A 66 -15.21 -11.10 -12.08
N GLY A 67 -14.64 -9.89 -12.06
CA GLY A 67 -13.82 -9.49 -10.94
C GLY A 67 -12.34 -9.72 -11.20
N ASN A 68 -12.04 -10.56 -12.18
CA ASN A 68 -10.65 -10.85 -12.55
C ASN A 68 -10.10 -9.73 -13.43
N ALA A 69 -8.83 -9.40 -13.24
CA ALA A 69 -8.21 -8.34 -14.03
C ALA A 69 -7.05 -8.89 -14.85
N LEU A 70 -7.04 -8.60 -16.13
CA LEU A 70 -5.96 -9.09 -16.98
C LEU A 70 -5.66 -8.13 -18.13
N PRO A 71 -4.44 -8.26 -18.70
CA PRO A 71 -4.06 -7.39 -19.83
C PRO A 71 -5.11 -7.68 -20.89
N LEU A 72 -5.55 -6.64 -21.60
CA LEU A 72 -6.56 -6.79 -22.63
C LEU A 72 -6.21 -7.88 -23.65
N GLU A 73 -4.93 -7.98 -23.98
CA GLU A 73 -4.50 -8.97 -24.96
C GLU A 73 -4.92 -10.37 -24.55
N ASN A 74 -5.08 -10.59 -23.24
CA ASN A 74 -5.47 -11.91 -22.72
C ASN A 74 -6.99 -12.03 -22.56
N ILE A 75 -7.74 -11.00 -22.92
CA ILE A 75 -9.18 -11.09 -22.78
C ILE A 75 -9.89 -11.41 -24.07
N PRO A 76 -10.76 -12.44 -24.04
CA PRO A 76 -11.53 -12.89 -25.20
C PRO A 76 -12.44 -11.87 -25.84
N VAL A 77 -12.49 -11.89 -27.17
CA VAL A 77 -13.36 -10.99 -27.93
C VAL A 77 -14.77 -11.30 -27.43
N GLY A 78 -15.56 -10.25 -27.23
CA GLY A 78 -16.91 -10.42 -26.74
C GLY A 78 -17.06 -10.21 -25.23
N THR A 79 -15.95 -10.19 -24.51
CA THR A 79 -16.02 -10.00 -23.07
C THR A 79 -16.40 -8.56 -22.69
N LEU A 80 -17.20 -8.41 -21.64
CA LEU A 80 -17.56 -7.09 -21.16
C LEU A 80 -16.48 -6.74 -20.15
N VAL A 81 -15.93 -5.53 -20.22
CA VAL A 81 -14.88 -5.12 -19.30
C VAL A 81 -15.06 -3.71 -18.76
N HIS A 82 -14.39 -3.43 -17.64
CA HIS A 82 -14.44 -2.13 -17.00
C HIS A 82 -13.12 -1.87 -16.29
N ASN A 83 -12.98 -0.67 -15.71
CA ASN A 83 -11.75 -0.26 -15.02
C ASN A 83 -10.63 -0.48 -16.01
N ILE A 84 -10.76 0.20 -17.13
CA ILE A 84 -9.84 0.08 -18.24
C ILE A 84 -8.61 0.99 -18.22
N GLU A 85 -7.44 0.39 -18.31
CA GLU A 85 -6.20 1.15 -18.32
C GLU A 85 -5.99 1.71 -19.72
N LEU A 86 -5.52 2.95 -19.79
CA LEU A 86 -5.25 3.59 -21.09
C LEU A 86 -3.77 3.51 -21.47
N LYS A 87 -2.89 3.56 -20.48
CA LYS A 87 -1.46 3.44 -20.69
C LYS A 87 -1.01 2.45 -19.62
N PRO A 88 -0.46 1.31 -20.05
CA PRO A 88 0.04 0.21 -19.21
C PRO A 88 0.65 0.56 -17.86
N GLY A 89 -0.17 0.57 -16.83
CA GLY A 89 0.30 0.87 -15.49
C GLY A 89 -0.50 1.96 -14.80
N ARG A 90 -0.93 2.95 -15.57
CA ARG A 90 -1.71 4.07 -15.04
C ARG A 90 -3.00 3.63 -14.35
N GLY A 91 -3.26 2.32 -14.34
CA GLY A 91 -4.46 1.82 -13.69
C GLY A 91 -5.75 2.18 -14.42
N GLY A 92 -6.86 1.72 -13.86
CA GLY A 92 -8.15 1.98 -14.47
C GLY A 92 -8.38 3.46 -14.66
N GLN A 93 -8.80 3.85 -15.86
CA GLN A 93 -9.08 5.25 -16.11
C GLN A 93 -10.51 5.35 -16.60
N LEU A 94 -10.92 4.36 -17.40
CA LEU A 94 -12.26 4.32 -17.94
C LEU A 94 -13.21 3.38 -17.20
N VAL A 95 -14.43 3.86 -16.97
CA VAL A 95 -15.47 3.12 -16.28
C VAL A 95 -14.87 2.31 -15.13
N ARG A 96 -14.40 3.06 -14.13
CA ARG A 96 -13.78 2.49 -12.94
C ARG A 96 -14.81 2.02 -11.92
N ALA A 97 -15.89 2.76 -11.76
CA ALA A 97 -16.90 2.37 -10.77
C ALA A 97 -18.32 2.73 -11.17
N ALA A 98 -18.49 3.34 -12.34
CA ALA A 98 -19.83 3.72 -12.76
C ALA A 98 -19.93 3.87 -14.27
N GLY A 99 -21.14 3.70 -14.77
CA GLY A 99 -21.36 3.81 -16.19
C GLY A 99 -21.78 2.48 -16.78
N THR A 100 -21.24 2.17 -17.94
CA THR A 100 -21.55 0.93 -18.63
C THR A 100 -20.29 0.30 -19.13
N SER A 101 -20.16 -1.00 -18.94
CA SER A 101 -18.96 -1.72 -19.37
C SER A 101 -18.73 -1.76 -20.87
N ALA A 102 -17.45 -1.71 -21.22
CA ALA A 102 -17.00 -1.76 -22.60
C ALA A 102 -16.97 -3.23 -23.03
N GLN A 103 -16.77 -3.47 -24.31
CA GLN A 103 -16.74 -4.83 -24.83
C GLN A 103 -15.59 -5.00 -25.81
N VAL A 104 -14.81 -6.06 -25.62
CA VAL A 104 -13.70 -6.33 -26.53
C VAL A 104 -14.33 -6.76 -27.85
N LEU A 105 -13.94 -6.14 -28.97
CA LEU A 105 -14.50 -6.50 -30.27
C LEU A 105 -13.51 -7.30 -31.10
N GLY A 106 -12.23 -7.02 -30.93
CA GLY A 106 -11.20 -7.74 -31.67
C GLY A 106 -9.78 -7.50 -31.18
N LYS A 107 -8.87 -8.37 -31.62
CA LYS A 107 -7.46 -8.29 -31.25
C LYS A 107 -6.60 -8.29 -32.50
N GLU A 108 -5.72 -7.31 -32.63
CA GLU A 108 -4.87 -7.26 -33.79
C GLU A 108 -3.45 -6.81 -33.43
N GLY A 109 -2.50 -7.71 -33.65
CA GLY A 109 -1.12 -7.39 -33.35
C GLY A 109 -0.93 -7.02 -31.89
N LYS A 110 -0.37 -5.85 -31.64
CA LYS A 110 -0.13 -5.39 -30.27
C LYS A 110 -1.24 -4.46 -29.77
N TYR A 111 -2.45 -4.65 -30.29
CA TYR A 111 -3.59 -3.85 -29.88
C TYR A 111 -4.86 -4.69 -29.77
N VAL A 112 -5.78 -4.20 -28.95
CA VAL A 112 -7.08 -4.81 -28.75
C VAL A 112 -8.05 -3.70 -29.07
N ILE A 113 -9.13 -4.05 -29.75
CA ILE A 113 -10.13 -3.07 -30.14
C ILE A 113 -11.32 -3.24 -29.20
N VAL A 114 -11.74 -2.12 -28.64
CA VAL A 114 -12.82 -2.08 -27.66
C VAL A 114 -13.93 -1.11 -27.99
N ARG A 115 -15.17 -1.51 -27.73
CA ARG A 115 -16.30 -0.64 -27.96
C ARG A 115 -16.87 -0.10 -26.66
N LEU A 116 -16.70 1.20 -26.43
CA LEU A 116 -17.23 1.83 -25.23
C LEU A 116 -18.75 1.88 -25.36
N ALA A 117 -19.41 1.97 -24.20
CA ALA A 117 -20.87 2.00 -24.14
C ALA A 117 -21.53 2.97 -25.14
N SER A 118 -20.93 4.13 -25.35
CA SER A 118 -21.52 5.11 -26.27
C SER A 118 -21.50 4.65 -27.73
N GLY A 119 -20.74 3.60 -28.03
CA GLY A 119 -20.63 3.12 -29.38
C GLY A 119 -19.25 3.50 -29.89
N GLU A 120 -18.59 4.37 -29.15
CA GLU A 120 -17.25 4.82 -29.48
C GLU A 120 -16.35 3.59 -29.55
N VAL A 121 -15.42 3.57 -30.49
CA VAL A 121 -14.49 2.46 -30.63
C VAL A 121 -13.06 2.93 -30.44
N ARG A 122 -12.27 2.19 -29.68
CA ARG A 122 -10.89 2.59 -29.41
C ARG A 122 -9.96 1.40 -29.57
N MSE A 123 -8.76 1.63 -30.11
CA MSE A 123 -7.83 0.53 -30.17
C MSE A 123 -6.89 0.84 -29.02
O MSE A 123 -6.46 1.98 -28.84
CB MSE A 123 -7.10 0.44 -31.52
CG MSE A 123 -6.66 1.72 -32.18
SE MSE A 123 -5.96 1.40 -33.85
CE MSE A 123 -4.22 1.14 -33.41
N ILE A 124 -6.61 -0.17 -28.20
CA ILE A 124 -5.76 0.01 -27.04
C ILE A 124 -4.69 -1.07 -27.00
N LEU A 125 -3.55 -0.71 -26.41
CA LEU A 125 -2.42 -1.64 -26.28
C LEU A 125 -2.81 -2.86 -25.48
N GLY A 126 -2.53 -4.03 -26.04
CA GLY A 126 -2.84 -5.29 -25.39
C GLY A 126 -2.30 -5.41 -23.98
N LYS A 127 -1.17 -4.74 -23.72
CA LYS A 127 -0.55 -4.76 -22.41
C LYS A 127 -1.40 -3.99 -21.41
N CYS A 128 -2.33 -3.15 -21.89
CA CYS A 128 -3.19 -2.42 -20.97
C CYS A 128 -4.21 -3.38 -20.34
N ARG A 129 -4.40 -3.21 -19.03
CA ARG A 129 -5.31 -4.03 -18.23
C ARG A 129 -6.78 -3.62 -18.19
N ALA A 130 -7.65 -4.57 -17.92
CA ALA A 130 -9.10 -4.34 -17.79
C ALA A 130 -9.64 -5.43 -16.86
N THR A 131 -10.77 -5.15 -16.20
CA THR A 131 -11.38 -6.11 -15.26
C THR A 131 -12.62 -6.63 -15.95
N VAL A 132 -12.84 -7.94 -15.87
CA VAL A 132 -13.99 -8.56 -16.49
C VAL A 132 -15.26 -8.28 -15.69
N GLY A 133 -16.34 -7.96 -16.38
CA GLY A 133 -17.60 -7.73 -15.70
C GLY A 133 -18.29 -6.41 -16.01
N GLU A 134 -19.48 -6.22 -15.44
CA GLU A 134 -20.28 -5.00 -15.62
C GLU A 134 -20.38 -4.20 -14.33
N VAL A 135 -20.41 -2.88 -14.44
CA VAL A 135 -20.49 -2.02 -13.25
C VAL A 135 -21.81 -1.28 -13.04
N GLY A 136 -21.68 -0.04 -12.56
CA GLY A 136 -22.79 0.88 -12.30
C GLY A 136 -24.24 0.45 -12.37
N GLN B 1 7.74 -9.29 -4.56
CA GLN B 1 8.56 -8.12 -5.00
C GLN B 1 9.17 -7.41 -3.79
N TYR B 2 9.63 -8.19 -2.82
CA TYR B 2 10.22 -7.67 -1.58
C TYR B 2 10.93 -6.34 -1.79
N ARG B 3 10.34 -5.29 -1.23
CA ARG B 3 10.88 -3.93 -1.36
C ARG B 3 11.97 -3.62 -0.35
N ILE B 4 12.90 -2.77 -0.74
CA ILE B 4 14.00 -2.39 0.14
C ILE B 4 13.49 -1.35 1.14
N ILE B 5 13.68 -1.64 2.43
CA ILE B 5 13.23 -0.77 3.49
C ILE B 5 14.40 -0.07 4.15
N ASP B 6 14.21 1.22 4.42
CA ASP B 6 15.23 2.00 5.08
C ASP B 6 15.08 1.97 6.61
N PHE B 7 15.90 1.18 7.28
CA PHE B 7 15.86 1.12 8.75
C PHE B 7 16.97 2.02 9.32
N LYS B 8 17.76 2.64 8.45
CA LYS B 8 18.85 3.50 8.91
C LYS B 8 18.38 4.90 9.21
N ARG B 9 17.38 5.35 8.46
CA ARG B 9 16.80 6.68 8.64
C ARG B 9 17.88 7.73 8.84
N ASP B 10 18.84 7.75 7.92
CA ASP B 10 19.97 8.65 7.96
C ASP B 10 19.99 9.87 7.04
N LYS B 11 18.87 10.23 6.41
CA LYS B 11 18.84 11.42 5.57
C LYS B 11 18.57 12.68 6.41
N ASP B 12 19.44 12.94 7.39
CA ASP B 12 19.26 14.08 8.25
C ASP B 12 19.23 15.44 7.56
N GLY B 13 18.24 16.24 7.92
CA GLY B 13 18.12 17.56 7.36
C GLY B 13 17.36 17.66 6.06
N ILE B 14 17.17 16.53 5.39
CA ILE B 14 16.46 16.54 4.14
C ILE B 14 14.98 16.17 4.28
N PRO B 15 14.09 17.16 4.08
CA PRO B 15 12.65 16.93 4.18
C PRO B 15 12.18 15.86 3.23
N GLY B 16 11.18 15.11 3.69
CA GLY B 16 10.64 14.03 2.89
C GLY B 16 9.14 14.10 3.01
N ARG B 17 8.45 13.48 2.06
CA ARG B 17 7.02 13.51 2.04
C ARG B 17 6.49 12.12 1.83
N VAL B 18 5.42 11.79 2.54
CA VAL B 18 4.82 10.49 2.42
C VAL B 18 4.04 10.48 1.13
N ALA B 19 4.53 9.72 0.15
CA ALA B 19 3.88 9.62 -1.15
C ALA B 19 2.75 8.62 -1.17
N THR B 20 2.95 7.47 -0.53
CA THR B 20 1.92 6.45 -0.48
C THR B 20 2.09 5.56 0.75
N ILE B 21 1.08 4.74 1.02
CA ILE B 21 1.13 3.80 2.13
C ILE B 21 0.49 2.50 1.64
N GLU B 22 1.30 1.44 1.59
CA GLU B 22 0.87 0.15 1.09
C GLU B 22 1.30 -1.00 2.00
N TYR B 23 0.62 -2.13 1.84
CA TYR B 23 0.88 -3.32 2.62
C TYR B 23 2.04 -4.13 2.07
N ASP B 24 2.90 -4.60 2.94
CA ASP B 24 3.99 -5.42 2.48
C ASP B 24 3.78 -6.81 3.06
N PRO B 25 3.40 -7.79 2.21
CA PRO B 25 3.16 -9.17 2.63
C PRO B 25 4.40 -9.76 3.30
N ASN B 26 5.57 -9.54 2.70
CA ASN B 26 6.80 -10.09 3.23
C ASN B 26 7.12 -9.64 4.63
N ARG B 27 6.63 -8.47 5.01
CA ARG B 27 6.89 -8.00 6.36
C ARG B 27 5.65 -8.08 7.23
N SER B 28 4.50 -8.28 6.58
CA SER B 28 3.17 -8.32 7.21
C SER B 28 2.91 -7.04 8.02
N ALA B 29 3.15 -5.90 7.37
CA ALA B 29 2.91 -4.57 7.95
C ALA B 29 2.80 -3.55 6.83
N ASN B 30 2.42 -2.33 7.17
CA ASN B 30 2.34 -1.30 6.14
C ASN B 30 3.71 -0.62 5.98
N ILE B 31 3.96 -0.13 4.77
CA ILE B 31 5.21 0.55 4.47
C ILE B 31 4.84 1.78 3.67
N ALA B 32 5.64 2.83 3.79
CA ALA B 32 5.37 4.07 3.08
C ALA B 32 6.51 4.49 2.18
N LEU B 33 6.16 4.91 0.96
CA LEU B 33 7.15 5.41 0.02
C LEU B 33 7.36 6.86 0.44
N ILE B 34 8.63 7.25 0.56
CA ILE B 34 8.94 8.62 0.94
C ILE B 34 9.73 9.30 -0.17
N ASN B 35 9.25 10.47 -0.58
CA ASN B 35 9.91 11.25 -1.61
C ASN B 35 10.71 12.37 -0.97
N TYR B 36 12.03 12.27 -1.00
CA TYR B 36 12.82 13.33 -0.39
C TYR B 36 13.05 14.51 -1.34
N ALA B 37 13.22 15.70 -0.77
CA ALA B 37 13.41 16.91 -1.54
C ALA B 37 14.66 16.90 -2.40
N ASP B 38 15.63 16.06 -2.08
CA ASP B 38 16.82 15.98 -2.90
C ASP B 38 16.55 15.01 -4.05
N GLY B 39 15.33 14.52 -4.13
CA GLY B 39 14.97 13.59 -5.18
C GLY B 39 15.04 12.11 -4.84
N GLU B 40 15.73 11.76 -3.77
CA GLU B 40 15.84 10.35 -3.43
C GLU B 40 14.51 9.79 -2.94
N LYS B 41 14.37 8.47 -3.05
CA LYS B 41 13.15 7.82 -2.63
C LYS B 41 13.52 6.61 -1.79
N ARG B 42 12.75 6.38 -0.73
CA ARG B 42 12.97 5.24 0.13
C ARG B 42 11.63 4.85 0.71
N TYR B 43 11.59 3.63 1.22
CA TYR B 43 10.44 3.07 1.89
C TYR B 43 10.82 3.00 3.38
N ILE B 44 9.83 3.16 4.25
CA ILE B 44 10.06 3.03 5.67
C ILE B 44 8.84 2.27 6.17
N ILE B 45 8.96 1.73 7.37
CA ILE B 45 7.85 1.02 7.98
C ILE B 45 6.83 2.11 8.29
N ALA B 46 5.58 1.89 7.93
CA ALA B 46 4.58 2.90 8.18
C ALA B 46 4.04 2.82 9.61
N PRO B 47 4.08 3.95 10.35
CA PRO B 47 3.56 3.86 11.72
C PRO B 47 2.04 4.02 11.71
N LYS B 48 1.43 3.63 12.82
CA LYS B 48 0.01 3.76 12.99
C LYS B 48 -0.32 5.24 12.76
N ASN B 49 -1.38 5.49 12.01
CA ASN B 49 -1.82 6.85 11.73
C ASN B 49 -0.98 7.72 10.81
N LEU B 50 0.07 7.18 10.20
CA LEU B 50 0.85 7.99 9.26
C LEU B 50 -0.05 8.09 8.04
N LYS B 51 -0.08 9.22 7.38
CA LYS B 51 -0.96 9.34 6.22
C LYS B 51 -0.27 9.98 5.03
N VAL B 52 -0.83 9.77 3.84
CA VAL B 52 -0.26 10.37 2.65
C VAL B 52 -0.32 11.89 2.83
N GLY B 53 0.80 12.55 2.52
CA GLY B 53 0.85 13.99 2.64
C GLY B 53 1.69 14.47 3.81
N MSE B 54 1.87 13.62 4.82
CA MSE B 54 2.63 14.03 5.96
C MSE B 54 4.12 14.18 5.59
O MSE B 54 4.63 13.51 4.68
CB MSE B 54 2.44 13.05 7.13
CG MSE B 54 1.04 13.08 7.84
SE MSE B 54 0.88 11.97 9.39
CE MSE B 54 2.44 12.43 10.30
N GLU B 55 4.78 15.09 6.29
CA GLU B 55 6.20 15.38 6.11
C GLU B 55 6.95 14.50 7.10
N ILE B 56 8.15 14.07 6.69
CA ILE B 56 8.98 13.21 7.52
C ILE B 56 10.31 13.88 7.66
N MSE B 57 11.00 13.62 8.76
CA MSE B 57 12.28 14.26 9.04
C MSE B 57 13.04 13.36 10.00
O MSE B 57 12.42 12.63 10.78
CB MSE B 57 11.97 15.61 9.69
CG MSE B 57 13.08 16.65 9.80
SE MSE B 57 12.36 18.32 10.35
CE MSE B 57 10.64 17.94 10.66
N SER B 58 14.37 13.38 9.94
CA SER B 58 15.16 12.57 10.84
C SER B 58 16.32 13.42 11.36
N GLY B 59 16.92 12.99 12.47
CA GLY B 59 18.01 13.76 13.02
C GLY B 59 17.61 14.53 14.27
N PRO B 60 18.58 15.16 14.94
CA PRO B 60 18.46 15.95 16.18
C PRO B 60 17.41 17.06 16.17
N ASP B 61 17.15 17.61 14.98
CA ASP B 61 16.23 18.71 14.83
C ASP B 61 14.83 18.40 14.33
N ALA B 62 14.48 17.13 14.19
CA ALA B 62 13.13 16.87 13.69
C ALA B 62 12.13 17.11 14.81
N ASP B 63 10.90 17.46 14.46
CA ASP B 63 9.89 17.64 15.50
C ASP B 63 9.42 16.26 15.92
N ILE B 64 8.76 16.18 17.07
CA ILE B 64 8.28 14.89 17.59
C ILE B 64 6.94 14.54 16.96
N LYS B 65 6.99 13.79 15.87
CA LYS B 65 5.79 13.35 15.17
C LYS B 65 6.06 12.01 14.54
N ILE B 66 5.02 11.22 14.41
CA ILE B 66 5.15 9.88 13.89
C ILE B 66 5.85 9.82 12.53
N GLY B 67 6.80 8.90 12.42
CA GLY B 67 7.53 8.75 11.17
C GLY B 67 8.90 9.37 11.29
N ASN B 68 9.01 10.36 12.16
CA ASN B 68 10.28 11.03 12.36
C ASN B 68 11.22 10.17 13.20
N ALA B 69 12.49 10.20 12.85
CA ALA B 69 13.49 9.41 13.54
C ALA B 69 14.58 10.30 14.14
N LEU B 70 14.83 10.13 15.44
CA LEU B 70 15.82 10.95 16.13
C LEU B 70 16.63 10.14 17.12
N PRO B 71 17.75 10.71 17.60
CA PRO B 71 18.57 10.00 18.60
C PRO B 71 17.68 9.98 19.84
N LEU B 72 17.67 8.86 20.56
CA LEU B 72 16.84 8.74 21.75
C LEU B 72 16.99 9.94 22.71
N GLU B 73 18.21 10.44 22.87
CA GLU B 73 18.44 11.58 23.76
C GLU B 73 17.60 12.79 23.40
N ASN B 74 17.17 12.90 22.14
CA ASN B 74 16.34 14.01 21.70
C ASN B 74 14.85 13.68 21.75
N ILE B 75 14.49 12.55 22.33
CA ILE B 75 13.09 12.16 22.37
C ILE B 75 12.43 12.29 23.75
N PRO B 76 11.35 13.05 23.84
CA PRO B 76 10.63 13.26 25.11
C PRO B 76 10.20 11.98 25.84
N VAL B 77 10.42 11.99 27.16
CA VAL B 77 9.99 10.87 28.00
C VAL B 77 8.51 10.67 27.70
N GLY B 78 8.05 9.43 27.72
CA GLY B 78 6.66 9.15 27.44
C GLY B 78 6.36 8.80 25.99
N THR B 79 7.28 9.11 25.09
CA THR B 79 7.07 8.81 23.67
C THR B 79 7.13 7.32 23.29
N LEU B 80 6.16 6.87 22.50
CA LEU B 80 6.17 5.50 22.01
C LEU B 80 7.11 5.49 20.80
N VAL B 81 7.99 4.50 20.73
CA VAL B 81 8.91 4.46 19.59
C VAL B 81 9.13 3.05 19.06
N HIS B 82 9.70 2.96 17.87
CA HIS B 82 10.01 1.68 17.26
C HIS B 82 11.31 1.80 16.44
N ASN B 83 11.67 0.71 15.75
CA ASN B 83 12.87 0.65 14.93
C ASN B 83 14.03 1.26 15.67
N ILE B 84 14.30 0.70 16.84
CA ILE B 84 15.35 1.17 17.72
C ILE B 84 16.74 0.63 17.46
N GLU B 85 17.71 1.54 17.42
CA GLU B 85 19.12 1.20 17.20
C GLU B 85 19.77 0.81 18.52
N LEU B 86 20.63 -0.20 18.50
CA LEU B 86 21.34 -0.61 19.72
C LEU B 86 22.78 -0.08 19.68
N LYS B 87 23.26 0.22 18.48
CA LYS B 87 24.60 0.77 18.30
C LYS B 87 24.46 1.91 17.29
N PRO B 88 24.70 3.15 17.74
CA PRO B 88 24.60 4.33 16.88
C PRO B 88 25.17 4.09 15.49
N GLY B 89 24.34 4.30 14.47
CA GLY B 89 24.78 4.13 13.09
C GLY B 89 24.59 2.75 12.46
N ARG B 90 24.33 1.76 13.30
CA ARG B 90 24.15 0.39 12.83
C ARG B 90 22.71 0.11 12.34
N GLY B 91 21.84 1.12 12.46
CA GLY B 91 20.46 0.93 12.01
C GLY B 91 19.61 0.22 13.05
N GLY B 92 18.29 0.39 12.94
CA GLY B 92 17.34 -0.18 13.88
C GLY B 92 17.34 -1.69 14.00
N GLN B 93 17.42 -2.18 15.23
CA GLN B 93 17.44 -3.61 15.50
C GLN B 93 16.22 -4.11 16.27
N LEU B 94 15.64 -3.26 17.12
CA LEU B 94 14.48 -3.65 17.91
C LEU B 94 13.14 -3.04 17.48
N VAL B 95 12.13 -3.88 17.32
CA VAL B 95 10.79 -3.45 16.94
C VAL B 95 10.84 -2.82 15.55
N ARG B 96 11.59 -3.45 14.65
CA ARG B 96 11.76 -2.97 13.28
C ARG B 96 10.44 -2.90 12.54
N ALA B 97 9.49 -3.74 12.96
CA ALA B 97 8.17 -3.77 12.35
C ALA B 97 7.23 -4.53 13.25
N ALA B 98 7.15 -5.85 13.06
CA ALA B 98 6.29 -6.68 13.89
C ALA B 98 6.51 -6.38 15.37
N GLY B 99 5.46 -6.56 16.17
CA GLY B 99 5.55 -6.34 17.60
C GLY B 99 4.68 -5.20 18.14
N THR B 100 5.17 -4.54 19.17
CA THR B 100 4.48 -3.42 19.80
C THR B 100 5.58 -2.42 20.10
N SER B 101 5.29 -1.13 19.91
CA SER B 101 6.32 -0.13 20.15
C SER B 101 6.71 -0.02 21.59
N ALA B 102 7.95 0.40 21.81
CA ALA B 102 8.51 0.56 23.14
C ALA B 102 8.14 1.95 23.64
N GLN B 103 8.60 2.33 24.82
CA GLN B 103 8.30 3.66 25.35
C GLN B 103 9.46 4.25 26.15
N VAL B 104 9.80 5.51 25.87
CA VAL B 104 10.88 6.18 26.58
C VAL B 104 10.42 6.49 28.01
N LEU B 105 11.11 5.90 28.99
CA LEU B 105 10.77 6.09 30.40
C LEU B 105 11.54 7.19 31.12
N GLY B 106 12.82 7.35 30.75
CA GLY B 106 13.66 8.35 31.35
C GLY B 106 14.99 8.50 30.63
N LYS B 107 15.70 9.59 30.92
CA LYS B 107 16.99 9.87 30.31
C LYS B 107 17.98 10.11 31.41
N GLU B 108 19.16 9.51 31.31
CA GLU B 108 20.15 9.74 32.35
C GLU B 108 21.56 9.66 31.80
N GLY B 109 22.26 10.78 31.88
CA GLY B 109 23.62 10.82 31.37
C GLY B 109 23.61 10.57 29.88
N LYS B 110 24.48 9.66 29.44
CA LYS B 110 24.57 9.33 28.02
C LYS B 110 23.66 8.15 27.70
N TYR B 111 22.68 7.89 28.57
CA TYR B 111 21.75 6.80 28.35
C TYR B 111 20.30 7.25 28.39
N VAL B 112 19.45 6.42 27.79
CA VAL B 112 18.02 6.67 27.73
C VAL B 112 17.37 5.35 28.13
N ILE B 113 16.46 5.39 29.09
CA ILE B 113 15.80 4.15 29.52
C ILE B 113 14.50 3.97 28.76
N VAL B 114 14.33 2.78 28.21
CA VAL B 114 13.15 2.45 27.40
C VAL B 114 12.46 1.19 27.88
N ARG B 115 11.13 1.19 27.86
CA ARG B 115 10.42 -0.02 28.26
C ARG B 115 9.81 -0.72 27.07
N LEU B 116 10.35 -1.90 26.75
CA LEU B 116 9.86 -2.68 25.64
C LEU B 116 8.44 -3.14 25.95
N ALA B 117 7.68 -3.47 24.91
CA ALA B 117 6.30 -3.89 25.06
C ALA B 117 6.04 -4.92 26.17
N SER B 118 6.78 -6.03 26.15
CA SER B 118 6.64 -7.06 27.15
C SER B 118 6.86 -6.57 28.57
N GLY B 119 7.40 -5.36 28.72
CA GLY B 119 7.66 -4.86 30.05
C GLY B 119 9.14 -4.90 30.33
N GLU B 120 9.91 -5.46 29.39
CA GLU B 120 11.35 -5.52 29.54
C GLU B 120 11.88 -4.08 29.51
N VAL B 121 12.85 -3.75 30.37
CA VAL B 121 13.41 -2.42 30.44
C VAL B 121 14.89 -2.39 30.10
N ARG B 122 15.26 -1.52 29.17
CA ARG B 122 16.65 -1.42 28.72
C ARG B 122 17.20 0.00 28.80
N MSE B 123 18.50 0.12 29.02
CA MSE B 123 19.11 1.43 29.03
C MSE B 123 19.98 1.45 27.77
O MSE B 123 20.88 0.63 27.62
CB MSE B 123 19.92 1.71 30.32
CG MSE B 123 20.99 0.71 30.73
SE MSE B 123 21.81 1.25 32.33
CE MSE B 123 23.16 2.28 31.68
N ILE B 124 19.65 2.36 26.87
CA ILE B 124 20.36 2.45 25.59
C ILE B 124 21.05 3.79 25.39
N LEU B 125 22.17 3.78 24.68
CA LEU B 125 22.92 5.01 24.41
C LEU B 125 22.04 6.06 23.75
N GLY B 126 22.01 7.24 24.36
CA GLY B 126 21.21 8.33 23.83
C GLY B 126 21.47 8.61 22.35
N LYS B 127 22.67 8.31 21.86
CA LYS B 127 23.00 8.54 20.45
C LYS B 127 22.27 7.55 19.55
N CYS B 128 21.79 6.45 20.13
CA CYS B 128 21.06 5.47 19.34
C CYS B 128 19.75 6.10 18.86
N ARG B 129 19.38 5.81 17.62
CA ARG B 129 18.17 6.36 17.04
C ARG B 129 16.91 5.53 17.22
N ALA B 130 15.77 6.16 17.03
CA ALA B 130 14.50 5.48 17.16
C ALA B 130 13.47 6.31 16.41
N THR B 131 12.44 5.66 15.89
CA THR B 131 11.39 6.38 15.15
C THR B 131 10.17 6.56 16.03
N VAL B 132 9.57 7.73 15.98
CA VAL B 132 8.40 8.00 16.79
C VAL B 132 7.15 7.34 16.23
N GLY B 133 6.35 6.76 17.14
CA GLY B 133 5.11 6.14 16.72
C GLY B 133 5.00 4.67 17.06
N GLU B 134 3.84 4.11 16.76
CA GLU B 134 3.55 2.71 17.01
C GLU B 134 3.60 2.05 15.66
N VAL B 135 4.28 0.93 15.55
CA VAL B 135 4.33 0.27 14.27
C VAL B 135 2.88 -0.12 13.98
N GLY B 136 2.22 0.75 13.22
CA GLY B 136 0.82 0.60 12.85
C GLY B 136 0.29 -0.77 12.50
N ASN B 137 -0.96 -1.01 12.89
CA ASN B 137 -1.62 -2.29 12.63
C ASN B 137 -2.65 -2.08 11.52
#